data_8Z8S
#
_entry.id   8Z8S
#
_cell.length_a   80.588
_cell.length_b   116.779
_cell.length_c   50.079
_cell.angle_alpha   90.000
_cell.angle_beta   90.000
_cell.angle_gamma   90.000
#
_symmetry.space_group_name_H-M   'P 21 21 2'
#
loop_
_entity.id
_entity.type
_entity.pdbx_description
1 polymer "Norbelladine 4'-O-methyltransferase"
2 non-polymer 'MAGNESIUM ION'
3 non-polymer S-ADENOSYL-L-HOMOCYSTEINE
4 non-polymer GLYCEROL
5 water water
#
_entity_poly.entity_id   1
_entity_poly.type   'polypeptide(L)'
_entity_poly.pdbx_seq_one_letter_code
;GPGMGASIDDYSLVHKNILHSEDLLKYILETSAYPREHEQLKGLREVTEKHEWSMALVPADEGLFLSMLLKLMNAKRTIE
IGVYTGYSLLTTALALPEDGKITAIDVNKSYYEIGLPFIQKAGVEHKINFIESEALPVLDQMLEEMKEEDLYDYAFVDAD
KSNYANYHERLVKLVRIGGAILYDNTLWFGSVAYPEYPGLHPEEEVARLSFRNLNTFLAADPRVEISQVSIGDGVTICRR
LY
;
_entity_poly.pdbx_strand_id   A,B
#
loop_
_chem_comp.id
_chem_comp.type
_chem_comp.name
_chem_comp.formula
GOL non-polymer GLYCEROL 'C3 H8 O3'
MG non-polymer 'MAGNESIUM ION' 'Mg 2'
#
# COMPACT_ATOMS: atom_id res chain seq x y z
N ASP A 9 0.89 -13.88 -27.24
CA ASP A 9 0.23 -12.80 -26.52
C ASP A 9 -1.25 -12.76 -26.82
N ASP A 10 -1.81 -13.91 -27.20
CA ASP A 10 -3.24 -14.00 -27.50
C ASP A 10 -4.05 -14.03 -26.21
N TYR A 11 -3.46 -13.56 -25.11
CA TYR A 11 -4.17 -13.49 -23.84
C TYR A 11 -5.39 -12.59 -23.96
N SER A 12 -6.39 -12.87 -23.13
CA SER A 12 -7.68 -12.19 -23.22
C SER A 12 -7.79 -10.99 -22.28
N LEU A 13 -7.17 -11.05 -21.10
CA LEU A 13 -7.40 -10.07 -20.03
C LEU A 13 -6.52 -8.84 -20.11
N VAL A 14 -5.63 -8.77 -21.11
CA VAL A 14 -4.50 -7.82 -21.08
C VAL A 14 -4.97 -6.40 -20.79
N HIS A 15 -6.03 -5.95 -21.45
CA HIS A 15 -6.44 -4.56 -21.36
C HIS A 15 -7.49 -4.29 -20.28
N LYS A 16 -7.79 -5.27 -19.43
CA LYS A 16 -8.79 -5.08 -18.39
C LYS A 16 -8.19 -4.39 -17.17
N ASN A 17 -8.95 -3.48 -16.57
CA ASN A 17 -8.53 -2.71 -15.40
C ASN A 17 -9.33 -3.15 -14.18
N ILE A 18 -8.72 -3.02 -12.99
CA ILE A 18 -9.47 -3.24 -11.76
C ILE A 18 -10.09 -1.95 -11.23
N LEU A 19 -9.66 -0.79 -11.71
CA LEU A 19 -10.31 0.46 -11.32
C LEU A 19 -11.51 0.70 -12.24
N HIS A 20 -12.44 1.55 -11.76
CA HIS A 20 -13.72 1.62 -12.46
C HIS A 20 -13.64 2.36 -13.78
N SER A 21 -12.51 2.99 -14.12
CA SER A 21 -12.40 3.66 -15.41
C SER A 21 -10.94 3.91 -15.73
N GLU A 22 -10.64 3.91 -17.04
CA GLU A 22 -9.31 4.32 -17.49
C GLU A 22 -9.00 5.75 -17.10
N ASP A 23 -10.02 6.60 -17.04
CA ASP A 23 -9.81 8.00 -16.65
C ASP A 23 -9.29 8.12 -15.22
N LEU A 24 -9.78 7.26 -14.32
CA LEU A 24 -9.31 7.31 -12.95
C LEU A 24 -7.86 6.82 -12.86
N LEU A 25 -7.54 5.76 -13.60
CA LEU A 25 -6.15 5.29 -13.66
C LEU A 25 -5.24 6.39 -14.21
N LYS A 26 -5.63 7.01 -15.33
CA LYS A 26 -4.80 8.05 -15.95
C LYS A 26 -4.61 9.21 -15.00
N TYR A 27 -5.65 9.60 -14.26
CA TYR A 27 -5.51 10.69 -13.29
C TYR A 27 -4.42 10.37 -12.27
N ILE A 28 -4.49 9.17 -11.67
CA ILE A 28 -3.47 8.77 -10.70
C ILE A 28 -2.08 8.86 -11.33
N LEU A 29 -1.90 8.21 -12.47
CA LEU A 29 -0.59 8.20 -13.12
C LEU A 29 -0.12 9.61 -13.47
N GLU A 30 -1.01 10.45 -14.01
CA GLU A 30 -0.59 11.78 -14.46
C GLU A 30 -0.38 12.74 -13.29
N THR A 31 -1.19 12.63 -12.24
CA THR A 31 -1.11 13.57 -11.14
C THR A 31 -0.04 13.16 -10.13
N SER A 32 0.08 11.85 -9.87
CA SER A 32 0.82 11.37 -8.71
C SER A 32 2.01 10.48 -9.04
N ALA A 33 2.03 9.81 -10.19
CA ALA A 33 3.11 8.88 -10.50
C ALA A 33 4.16 9.50 -11.43
N TYR A 34 3.76 9.87 -12.65
CA TYR A 34 4.70 10.45 -13.61
C TYR A 34 5.50 11.64 -13.07
N PRO A 35 4.93 12.57 -12.30
CA PRO A 35 5.75 13.64 -11.72
C PRO A 35 6.81 13.17 -10.75
N ARG A 36 6.66 11.98 -10.16
CA ARG A 36 7.60 11.46 -9.18
C ARG A 36 8.47 10.33 -9.74
N GLU A 37 8.41 10.09 -11.04
CA GLU A 37 9.09 8.95 -11.66
C GLU A 37 10.47 9.39 -12.13
N HIS A 38 11.49 8.68 -11.67
CA HIS A 38 12.87 8.97 -12.06
C HIS A 38 13.01 8.99 -13.57
N GLU A 39 13.85 9.89 -14.08
CA GLU A 39 14.04 10.02 -15.52
C GLU A 39 14.40 8.68 -16.16
N GLN A 40 15.23 7.88 -15.50
CA GLN A 40 15.63 6.60 -16.06
C GLN A 40 14.51 5.58 -16.01
N LEU A 41 13.62 5.68 -15.02
CA LEU A 41 12.44 4.81 -15.00
C LEU A 41 11.49 5.15 -16.14
N LYS A 42 11.32 6.44 -16.42
CA LYS A 42 10.48 6.86 -17.54
C LYS A 42 11.00 6.29 -18.85
N GLY A 43 12.31 6.41 -19.10
CA GLY A 43 12.87 5.89 -20.33
C GLY A 43 12.76 4.39 -20.44
N LEU A 44 12.97 3.68 -19.32
CA LEU A 44 12.82 2.23 -19.33
C LEU A 44 11.36 1.82 -19.53
N ARG A 45 10.44 2.54 -18.88
CA ARG A 45 9.02 2.26 -19.10
C ARG A 45 8.64 2.45 -20.57
N GLU A 46 9.16 3.50 -21.21
CA GLU A 46 8.69 3.85 -22.54
C GLU A 46 9.14 2.83 -23.58
N VAL A 47 10.34 2.26 -23.42
N VAL A 47 10.35 2.29 -23.44
CA VAL A 47 10.76 1.23 -24.38
CA VAL A 47 10.80 1.22 -24.33
C VAL A 47 10.06 -0.09 -24.09
C VAL A 47 9.97 -0.04 -24.09
N THR A 48 9.73 -0.36 -22.82
CA THR A 48 9.01 -1.58 -22.51
C THR A 48 7.55 -1.51 -22.96
N GLU A 49 6.95 -0.32 -22.93
CA GLU A 49 5.61 -0.12 -23.47
C GLU A 49 5.53 -0.58 -24.93
N LYS A 50 6.64 -0.53 -25.66
CA LYS A 50 6.70 -0.93 -27.05
C LYS A 50 7.08 -2.39 -27.24
N HIS A 51 7.53 -3.06 -26.19
CA HIS A 51 7.93 -4.46 -26.31
C HIS A 51 6.71 -5.36 -26.41
N GLU A 52 6.91 -6.56 -26.96
CA GLU A 52 5.81 -7.48 -27.19
C GLU A 52 5.11 -7.85 -25.89
N TRP A 53 5.86 -8.03 -24.80
CA TRP A 53 5.31 -8.44 -23.51
C TRP A 53 5.08 -7.26 -22.57
N SER A 54 4.62 -6.13 -23.12
CA SER A 54 4.31 -4.96 -22.30
C SER A 54 3.31 -5.27 -21.19
N MET A 55 2.46 -6.28 -21.39
CA MET A 55 1.39 -6.58 -20.43
C MET A 55 1.92 -6.84 -19.03
N ALA A 56 3.11 -7.43 -18.92
CA ALA A 56 3.67 -7.85 -17.64
C ALA A 56 4.38 -6.73 -16.90
N LEU A 57 4.45 -5.53 -17.47
CA LEU A 57 5.24 -4.45 -16.87
C LEU A 57 4.55 -3.94 -15.59
N VAL A 58 5.33 -3.77 -14.54
CA VAL A 58 4.80 -3.18 -13.30
C VAL A 58 4.46 -1.71 -13.56
N PRO A 59 3.24 -1.27 -13.25
CA PRO A 59 2.86 0.12 -13.54
C PRO A 59 3.55 1.12 -12.62
N ALA A 60 3.56 2.37 -13.08
CA ALA A 60 4.36 3.40 -12.41
C ALA A 60 3.78 3.74 -11.03
N ASP A 61 2.45 3.66 -10.86
CA ASP A 61 1.91 3.95 -9.54
C ASP A 61 2.22 2.83 -8.56
N GLU A 62 2.21 1.56 -9.01
CA GLU A 62 2.65 0.49 -8.13
C GLU A 62 4.13 0.64 -7.78
N GLY A 63 4.95 1.09 -8.73
CA GLY A 63 6.38 1.20 -8.48
C GLY A 63 6.70 2.16 -7.36
N LEU A 64 6.00 3.31 -7.33
CA LEU A 64 6.22 4.26 -6.24
C LEU A 64 5.78 3.68 -4.90
N PHE A 65 4.77 2.79 -4.92
CA PHE A 65 4.32 2.11 -3.71
C PHE A 65 5.38 1.14 -3.20
N LEU A 66 5.97 0.35 -4.10
CA LEU A 66 7.08 -0.53 -3.72
C LEU A 66 8.23 0.27 -3.12
N SER A 67 8.60 1.37 -3.77
CA SER A 67 9.67 2.23 -3.28
C SER A 67 9.37 2.77 -1.88
N MET A 68 8.14 3.23 -1.66
CA MET A 68 7.76 3.74 -0.34
C MET A 68 7.87 2.66 0.72
N LEU A 69 7.44 1.44 0.41
CA LEU A 69 7.55 0.35 1.38
C LEU A 69 9.01 0.08 1.74
N LEU A 70 9.87 -0.01 0.73
CA LEU A 70 11.29 -0.27 0.96
C LEU A 70 11.91 0.78 1.87
N LYS A 71 11.58 2.05 1.63
CA LYS A 71 12.17 3.13 2.42
C LYS A 71 11.61 3.13 3.84
N LEU A 72 10.31 2.88 4.00
CA LEU A 72 9.72 2.93 5.35
C LEU A 72 10.26 1.81 6.23
N MET A 73 10.52 0.64 5.66
CA MET A 73 11.07 -0.45 6.45
C MET A 73 12.59 -0.46 6.48
N ASN A 74 13.23 0.54 5.85
N ASN A 74 13.22 0.53 5.85
CA ASN A 74 14.68 0.69 5.83
CA ASN A 74 14.68 0.68 5.84
C ASN A 74 15.36 -0.57 5.33
C ASN A 74 15.36 -0.57 5.32
N ALA A 75 14.82 -1.11 4.22
CA ALA A 75 15.40 -2.30 3.62
C ALA A 75 16.84 -2.04 3.18
N LYS A 76 17.70 -3.05 3.35
CA LYS A 76 19.10 -2.98 2.96
C LYS A 76 19.52 -4.06 1.98
N ARG A 77 18.93 -5.25 2.06
CA ARG A 77 19.28 -6.38 1.22
C ARG A 77 17.99 -7.06 0.76
N THR A 78 17.82 -7.19 -0.56
CA THR A 78 16.54 -7.65 -1.11
C THR A 78 16.76 -8.71 -2.19
N ILE A 79 15.66 -9.33 -2.59
CA ILE A 79 15.65 -10.30 -3.68
C ILE A 79 14.50 -9.95 -4.61
N GLU A 80 14.76 -10.03 -5.92
CA GLU A 80 13.78 -9.70 -6.94
C GLU A 80 13.66 -10.88 -7.88
N ILE A 81 12.48 -11.50 -7.91
CA ILE A 81 12.23 -12.70 -8.73
C ILE A 81 11.30 -12.30 -9.86
N GLY A 82 11.81 -12.34 -11.08
CA GLY A 82 11.05 -11.91 -12.24
C GLY A 82 11.38 -10.47 -12.59
N VAL A 83 12.41 -10.27 -13.41
CA VAL A 83 12.93 -8.94 -13.67
C VAL A 83 12.31 -8.32 -14.91
N TYR A 84 12.22 -9.10 -15.99
CA TYR A 84 11.76 -8.59 -17.29
C TYR A 84 12.72 -7.48 -17.70
N THR A 85 12.25 -6.31 -18.12
CA THR A 85 13.15 -5.24 -18.54
C THR A 85 13.68 -4.43 -17.35
N GLY A 86 13.21 -4.69 -16.14
CA GLY A 86 13.84 -4.18 -14.93
C GLY A 86 13.18 -2.97 -14.27
N TYR A 87 11.88 -2.75 -14.49
CA TYR A 87 11.25 -1.56 -13.92
C TYR A 87 11.18 -1.64 -12.40
N SER A 88 10.64 -2.74 -11.85
CA SER A 88 10.59 -2.87 -10.41
C SER A 88 12.00 -2.99 -9.83
N LEU A 89 12.93 -3.63 -10.56
CA LEU A 89 14.30 -3.75 -10.08
C LEU A 89 14.98 -2.38 -9.97
N LEU A 90 14.83 -1.55 -11.00
CA LEU A 90 15.36 -0.19 -10.92
C LEU A 90 14.71 0.60 -9.78
N THR A 91 13.41 0.40 -9.59
CA THR A 91 12.71 1.02 -8.46
C THR A 91 13.33 0.60 -7.14
N THR A 92 13.59 -0.71 -6.98
CA THR A 92 14.20 -1.20 -5.76
C THR A 92 15.59 -0.62 -5.58
N ALA A 93 16.37 -0.54 -6.68
CA ALA A 93 17.75 -0.11 -6.59
C ALA A 93 17.86 1.36 -6.22
N LEU A 94 16.95 2.18 -6.75
CA LEU A 94 16.97 3.61 -6.43
C LEU A 94 16.50 3.87 -5.01
N ALA A 95 15.67 2.98 -4.45
CA ALA A 95 15.16 3.17 -3.10
C ALA A 95 16.20 2.83 -2.03
N LEU A 96 17.03 1.81 -2.27
CA LEU A 96 17.98 1.36 -1.28
C LEU A 96 19.11 2.38 -1.11
N PRO A 97 19.84 2.32 0.03
CA PRO A 97 20.98 3.23 0.20
C PRO A 97 22.14 2.88 -0.72
N GLU A 98 23.22 3.66 -0.63
CA GLU A 98 24.33 3.50 -1.56
C GLU A 98 24.92 2.10 -1.51
N ASP A 99 24.93 1.48 -0.34
CA ASP A 99 25.50 0.15 -0.15
C ASP A 99 24.45 -0.94 -0.07
N GLY A 100 23.24 -0.69 -0.60
CA GLY A 100 22.24 -1.74 -0.67
C GLY A 100 22.60 -2.81 -1.68
N LYS A 101 22.06 -4.02 -1.47
CA LYS A 101 22.35 -5.16 -2.33
C LYS A 101 21.06 -5.87 -2.74
N ILE A 102 21.01 -6.28 -4.00
CA ILE A 102 19.86 -6.98 -4.57
C ILE A 102 20.35 -8.21 -5.31
N THR A 103 19.69 -9.35 -5.08
CA THR A 103 19.82 -10.52 -5.93
C THR A 103 18.62 -10.55 -6.87
N ALA A 104 18.88 -10.45 -8.18
CA ALA A 104 17.83 -10.44 -9.20
C ALA A 104 17.90 -11.75 -9.97
N ILE A 105 16.74 -12.38 -10.20
CA ILE A 105 16.65 -13.69 -10.83
C ILE A 105 15.62 -13.65 -11.96
N ASP A 106 16.04 -14.04 -13.16
CA ASP A 106 15.12 -14.17 -14.28
C ASP A 106 15.67 -15.22 -15.23
N VAL A 107 14.76 -15.94 -15.91
CA VAL A 107 15.20 -16.93 -16.88
C VAL A 107 15.72 -16.28 -18.15
N ASN A 108 15.38 -15.03 -18.40
CA ASN A 108 15.62 -14.38 -19.68
C ASN A 108 16.45 -13.12 -19.46
N LYS A 109 17.76 -13.21 -19.68
CA LYS A 109 18.61 -12.04 -19.54
C LYS A 109 18.46 -11.06 -20.70
N SER A 110 17.96 -11.54 -21.85
CA SER A 110 17.67 -10.66 -22.98
C SER A 110 16.80 -9.48 -22.54
N TYR A 111 15.72 -9.78 -21.82
CA TYR A 111 14.86 -8.73 -21.30
C TYR A 111 15.66 -7.74 -20.45
N TYR A 112 16.46 -8.26 -19.52
CA TYR A 112 17.21 -7.42 -18.60
C TYR A 112 18.08 -6.42 -19.35
N GLU A 113 18.69 -6.85 -20.46
CA GLU A 113 19.59 -5.96 -21.20
C GLU A 113 18.85 -4.86 -21.93
N ILE A 114 17.53 -4.94 -22.05
CA ILE A 114 16.76 -3.82 -22.58
C ILE A 114 16.80 -2.64 -21.60
N GLY A 115 16.68 -2.92 -20.31
CA GLY A 115 16.61 -1.86 -19.32
C GLY A 115 17.95 -1.54 -18.70
N LEU A 116 18.90 -2.45 -18.85
CA LEU A 116 20.24 -2.25 -18.26
C LEU A 116 20.85 -0.87 -18.54
N PRO A 117 20.76 -0.29 -19.74
CA PRO A 117 21.32 1.06 -19.92
C PRO A 117 20.72 2.10 -18.97
N PHE A 118 19.40 2.08 -18.80
CA PHE A 118 18.76 3.00 -17.86
C PHE A 118 19.22 2.71 -16.42
N ILE A 119 19.36 1.43 -16.07
CA ILE A 119 19.87 1.07 -14.75
C ILE A 119 21.27 1.64 -14.54
N GLN A 120 22.13 1.57 -15.58
CA GLN A 120 23.49 2.09 -15.45
C GLN A 120 23.49 3.62 -15.35
N LYS A 121 22.73 4.28 -16.23
CA LYS A 121 22.64 5.74 -16.18
C LYS A 121 22.16 6.23 -14.81
N ALA A 122 21.35 5.43 -14.12
CA ALA A 122 20.89 5.79 -12.79
C ALA A 122 21.99 5.66 -11.74
N GLY A 123 23.12 5.04 -12.08
CA GLY A 123 24.22 4.91 -11.14
C GLY A 123 24.03 3.86 -10.07
N VAL A 124 23.22 2.83 -10.35
CA VAL A 124 22.79 1.89 -9.32
C VAL A 124 23.08 0.44 -9.68
N GLU A 125 23.70 0.17 -10.84
CA GLU A 125 23.95 -1.21 -11.26
C GLU A 125 24.84 -1.95 -10.27
N HIS A 126 25.72 -1.22 -9.55
CA HIS A 126 26.60 -1.85 -8.58
C HIS A 126 25.84 -2.53 -7.45
N LYS A 127 24.55 -2.20 -7.26
CA LYS A 127 23.76 -2.84 -6.22
C LYS A 127 23.20 -4.18 -6.64
N ILE A 128 23.28 -4.53 -7.93
CA ILE A 128 22.51 -5.62 -8.52
C ILE A 128 23.43 -6.76 -8.90
N ASN A 129 23.12 -7.95 -8.40
CA ASN A 129 23.74 -9.19 -8.87
C ASN A 129 22.65 -9.93 -9.66
N PHE A 130 22.69 -9.78 -10.99
CA PHE A 130 21.73 -10.47 -11.84
C PHE A 130 22.17 -11.92 -12.04
N ILE A 131 21.21 -12.84 -11.96
CA ILE A 131 21.43 -14.25 -12.17
C ILE A 131 20.44 -14.73 -13.21
N GLU A 132 20.94 -15.23 -14.34
CA GLU A 132 20.08 -15.79 -15.39
C GLU A 132 19.88 -17.26 -15.09
N SER A 133 18.71 -17.60 -14.56
CA SER A 133 18.35 -18.97 -14.26
C SER A 133 16.89 -19.00 -13.85
N GLU A 134 16.35 -20.22 -13.74
CA GLU A 134 15.04 -20.40 -13.13
C GLU A 134 15.15 -20.15 -11.63
N ALA A 135 14.08 -19.59 -11.06
CA ALA A 135 14.16 -19.11 -9.68
C ALA A 135 14.33 -20.26 -8.69
N LEU A 136 13.49 -21.30 -8.79
CA LEU A 136 13.49 -22.37 -7.79
C LEU A 136 14.87 -22.98 -7.55
N PRO A 137 15.67 -23.33 -8.57
CA PRO A 137 17.01 -23.85 -8.26
C PRO A 137 17.87 -22.85 -7.50
N VAL A 138 17.77 -21.56 -7.84
CA VAL A 138 18.57 -20.55 -7.16
C VAL A 138 18.14 -20.44 -5.70
N LEU A 139 16.83 -20.37 -5.45
CA LEU A 139 16.34 -20.25 -4.08
C LEU A 139 16.75 -21.46 -3.25
N ASP A 140 16.65 -22.68 -3.81
CA ASP A 140 17.06 -23.87 -3.09
C ASP A 140 18.55 -23.82 -2.78
N GLN A 141 19.37 -23.36 -3.73
CA GLN A 141 20.79 -23.22 -3.48
C GLN A 141 21.04 -22.16 -2.41
N MET A 142 20.28 -21.06 -2.44
CA MET A 142 20.41 -20.05 -1.40
C MET A 142 20.06 -20.61 -0.03
N LEU A 143 19.07 -21.50 0.02
CA LEU A 143 18.67 -22.07 1.29
C LEU A 143 19.78 -22.92 1.90
N GLU A 144 20.49 -23.69 1.08
CA GLU A 144 21.56 -24.56 1.57
C GLU A 144 22.79 -23.78 2.01
N GLU A 145 22.89 -22.50 1.66
CA GLU A 145 24.07 -21.70 1.98
C GLU A 145 23.73 -20.45 2.79
N MET A 146 22.49 -20.30 3.24
CA MET A 146 22.06 -19.07 3.90
C MET A 146 22.48 -19.06 5.36
N LYS A 147 22.97 -17.91 5.82
CA LYS A 147 23.27 -17.67 7.22
C LYS A 147 22.25 -16.68 7.79
N GLU A 148 21.92 -16.87 9.07
CA GLU A 148 20.91 -16.03 9.71
C GLU A 148 21.30 -14.55 9.69
N GLU A 149 22.59 -14.26 9.68
CA GLU A 149 23.06 -12.88 9.52
C GLU A 149 22.71 -12.31 8.15
N ASP A 150 22.38 -13.16 7.18
CA ASP A 150 22.28 -12.74 5.79
C ASP A 150 20.87 -12.86 5.24
N LEU A 151 19.87 -13.01 6.10
CA LEU A 151 18.50 -13.10 5.63
C LEU A 151 18.08 -11.79 4.97
N TYR A 152 17.19 -11.90 3.99
CA TYR A 152 16.78 -10.73 3.23
C TYR A 152 15.73 -9.91 3.99
N ASP A 153 15.70 -8.61 3.71
CA ASP A 153 14.69 -7.73 4.28
C ASP A 153 13.40 -7.75 3.49
N TYR A 154 13.49 -7.93 2.17
CA TYR A 154 12.40 -7.69 1.26
C TYR A 154 12.54 -8.64 0.07
N ALA A 155 11.43 -9.22 -0.35
CA ALA A 155 11.37 -10.07 -1.53
C ALA A 155 10.18 -9.65 -2.38
N PHE A 156 10.42 -9.38 -3.66
CA PHE A 156 9.36 -9.11 -4.64
C PHE A 156 9.24 -10.28 -5.60
N VAL A 157 8.07 -10.94 -5.60
CA VAL A 157 7.81 -12.13 -6.41
C VAL A 157 6.93 -11.76 -7.59
N ASP A 158 7.45 -11.97 -8.81
CA ASP A 158 6.75 -11.51 -10.00
C ASP A 158 7.14 -12.36 -11.22
N ALA A 159 7.33 -13.66 -11.02
CA ALA A 159 7.91 -14.51 -12.05
C ALA A 159 6.82 -15.47 -12.54
N ASP A 160 7.07 -16.76 -12.74
CA ASP A 160 6.02 -17.64 -13.28
C ASP A 160 4.86 -17.78 -12.29
N LYS A 161 3.63 -17.40 -12.71
CA LYS A 161 2.53 -17.32 -11.73
C LYS A 161 2.22 -18.66 -11.08
N SER A 162 2.19 -19.75 -11.85
CA SER A 162 1.83 -21.06 -11.30
C SER A 162 2.83 -21.56 -10.26
N ASN A 163 3.97 -20.90 -10.08
CA ASN A 163 4.97 -21.34 -9.12
C ASN A 163 5.04 -20.46 -7.86
N TYR A 164 4.09 -19.53 -7.67
CA TYR A 164 4.17 -18.64 -6.51
C TYR A 164 4.19 -19.42 -5.21
N ALA A 165 3.30 -20.41 -5.07
CA ALA A 165 3.25 -21.20 -3.85
C ALA A 165 4.58 -21.88 -3.58
N ASN A 166 5.23 -22.39 -4.64
CA ASN A 166 6.54 -23.00 -4.51
C ASN A 166 7.57 -21.98 -4.03
N TYR A 167 7.55 -20.79 -4.63
CA TYR A 167 8.43 -19.73 -4.17
C TYR A 167 8.19 -19.40 -2.70
N HIS A 168 6.90 -19.37 -2.29
CA HIS A 168 6.55 -19.00 -0.92
C HIS A 168 7.25 -19.88 0.10
N GLU A 169 7.29 -21.19 -0.14
CA GLU A 169 7.89 -22.10 0.84
C GLU A 169 9.38 -21.81 1.03
N ARG A 170 10.07 -21.39 -0.04
CA ARG A 170 11.48 -21.03 0.12
C ARG A 170 11.64 -19.67 0.78
N LEU A 171 10.85 -18.69 0.34
CA LEU A 171 11.08 -17.31 0.76
C LEU A 171 10.74 -17.09 2.24
N VAL A 172 9.78 -17.83 2.80
CA VAL A 172 9.52 -17.71 4.23
C VAL A 172 10.67 -18.21 5.07
N LYS A 173 11.68 -18.81 4.45
CA LYS A 173 12.92 -19.19 5.12
C LYS A 173 14.08 -18.29 4.76
N LEU A 174 13.96 -17.45 3.73
CA LEU A 174 15.07 -16.64 3.26
C LEU A 174 14.97 -15.17 3.65
N VAL A 175 13.80 -14.68 4.02
CA VAL A 175 13.67 -13.33 4.55
C VAL A 175 13.66 -13.42 6.07
N ARG A 176 14.21 -12.38 6.70
CA ARG A 176 14.27 -12.33 8.15
C ARG A 176 12.88 -12.28 8.76
N ILE A 177 12.80 -12.66 10.04
CA ILE A 177 11.60 -12.41 10.81
C ILE A 177 11.32 -10.91 10.82
N GLY A 178 10.08 -10.53 10.49
CA GLY A 178 9.75 -9.15 10.27
C GLY A 178 10.02 -8.65 8.87
N GLY A 179 10.65 -9.46 8.01
CA GLY A 179 10.87 -9.09 6.63
C GLY A 179 9.61 -9.23 5.78
N ALA A 180 9.67 -8.65 4.58
CA ALA A 180 8.50 -8.54 3.72
C ALA A 180 8.65 -9.38 2.46
N ILE A 181 7.58 -10.11 2.12
CA ILE A 181 7.47 -10.86 0.87
C ILE A 181 6.24 -10.34 0.15
N LEU A 182 6.43 -9.84 -1.07
CA LEU A 182 5.35 -9.22 -1.84
C LEU A 182 5.07 -10.07 -3.08
N TYR A 183 3.81 -10.44 -3.28
CA TYR A 183 3.38 -11.18 -4.46
C TYR A 183 2.60 -10.27 -5.38
N ASP A 184 3.05 -10.20 -6.64
CA ASP A 184 2.48 -9.32 -7.65
C ASP A 184 1.36 -10.03 -8.42
N ASN A 185 0.41 -9.24 -8.91
CA ASN A 185 -0.70 -9.69 -9.78
C ASN A 185 -1.69 -10.62 -9.08
N THR A 186 -1.84 -10.51 -7.76
CA THR A 186 -2.67 -11.47 -7.03
C THR A 186 -4.17 -11.28 -7.24
N LEU A 187 -4.61 -10.28 -8.00
CA LEU A 187 -6.00 -10.19 -8.41
C LEU A 187 -6.21 -10.56 -9.86
N TRP A 188 -5.13 -10.75 -10.63
CA TRP A 188 -5.16 -11.27 -12.00
C TRP A 188 -6.27 -10.63 -12.83
N PHE A 189 -6.13 -9.32 -13.06
CA PHE A 189 -7.05 -8.51 -13.85
C PHE A 189 -8.46 -8.51 -13.26
N GLY A 190 -8.60 -8.92 -11.99
CA GLY A 190 -9.88 -9.04 -11.34
C GLY A 190 -10.58 -10.36 -11.56
N SER A 191 -10.04 -11.23 -12.42
CA SER A 191 -10.73 -12.46 -12.77
C SER A 191 -10.70 -13.50 -11.65
N VAL A 192 -9.90 -13.27 -10.60
CA VAL A 192 -9.91 -14.18 -9.45
C VAL A 192 -11.20 -14.09 -8.64
N ALA A 193 -12.03 -13.09 -8.90
CA ALA A 193 -13.20 -12.81 -8.08
C ALA A 193 -14.34 -13.83 -8.26
N TYR A 194 -14.26 -14.70 -9.27
CA TYR A 194 -15.35 -15.62 -9.56
C TYR A 194 -14.81 -17.04 -9.66
N PRO A 195 -15.61 -18.03 -9.25
CA PRO A 195 -15.15 -19.42 -9.38
C PRO A 195 -14.84 -19.80 -10.81
N GLU A 196 -15.58 -19.28 -11.78
CA GLU A 196 -15.37 -19.56 -13.19
C GLU A 196 -15.34 -18.27 -13.98
N TYR A 197 -14.53 -18.25 -15.03
CA TYR A 197 -14.39 -17.05 -15.84
C TYR A 197 -14.17 -17.42 -17.30
N PRO A 198 -15.14 -17.16 -18.17
CA PRO A 198 -15.05 -17.67 -19.55
C PRO A 198 -14.18 -16.80 -20.45
N GLY A 199 -13.70 -17.44 -21.52
CA GLY A 199 -13.01 -16.74 -22.58
C GLY A 199 -11.53 -16.50 -22.36
N LEU A 200 -10.85 -17.40 -21.64
CA LEU A 200 -9.46 -17.18 -21.26
C LEU A 200 -8.55 -18.17 -21.98
N HIS A 201 -7.34 -17.70 -22.31
CA HIS A 201 -6.28 -18.59 -22.76
C HIS A 201 -6.01 -19.64 -21.68
N PRO A 202 -5.67 -20.88 -22.06
CA PRO A 202 -5.44 -21.91 -21.04
C PRO A 202 -4.38 -21.53 -20.00
N GLU A 203 -3.32 -20.83 -20.40
CA GLU A 203 -2.32 -20.40 -19.43
C GLU A 203 -2.87 -19.31 -18.51
N GLU A 204 -3.73 -18.44 -19.05
CA GLU A 204 -4.41 -17.46 -18.21
C GLU A 204 -5.24 -18.15 -17.14
N GLU A 205 -5.96 -19.21 -17.52
CA GLU A 205 -6.84 -19.89 -16.58
C GLU A 205 -6.02 -20.60 -15.50
N VAL A 206 -4.86 -21.14 -15.87
CA VAL A 206 -4.00 -21.78 -14.88
C VAL A 206 -3.49 -20.77 -13.87
N ALA A 207 -3.08 -19.58 -14.35
CA ALA A 207 -2.64 -18.53 -13.44
C ALA A 207 -3.77 -18.06 -12.56
N ARG A 208 -4.97 -17.89 -13.14
CA ARG A 208 -6.11 -17.43 -12.36
C ARG A 208 -6.41 -18.41 -11.23
N LEU A 209 -6.44 -19.71 -11.54
CA LEU A 209 -6.69 -20.72 -10.52
C LEU A 209 -5.55 -20.78 -9.52
N SER A 210 -4.31 -20.59 -9.98
CA SER A 210 -3.19 -20.58 -9.05
C SER A 210 -3.31 -19.42 -8.06
N PHE A 211 -3.85 -18.29 -8.49
CA PHE A 211 -3.95 -17.14 -7.59
C PHE A 211 -5.09 -17.32 -6.60
N ARG A 212 -6.21 -17.91 -7.02
CA ARG A 212 -7.30 -18.17 -6.09
C ARG A 212 -6.86 -19.10 -4.96
N ASN A 213 -6.15 -20.18 -5.30
CA ASN A 213 -5.62 -21.06 -4.26
C ASN A 213 -4.59 -20.35 -3.40
N LEU A 214 -3.70 -19.56 -4.03
CA LEU A 214 -2.66 -18.88 -3.25
C LEU A 214 -3.27 -17.85 -2.30
N ASN A 215 -4.27 -17.10 -2.77
CA ASN A 215 -4.89 -16.09 -1.91
C ASN A 215 -5.52 -16.75 -0.70
N THR A 216 -6.23 -17.86 -0.90
CA THR A 216 -6.78 -18.61 0.23
C THR A 216 -5.68 -19.12 1.14
N PHE A 217 -4.62 -19.66 0.56
CA PHE A 217 -3.54 -20.25 1.36
C PHE A 217 -2.87 -19.17 2.22
N LEU A 218 -2.48 -18.05 1.60
CA LEU A 218 -1.75 -17.02 2.34
C LEU A 218 -2.59 -16.44 3.46
N ALA A 219 -3.91 -16.35 3.28
CA ALA A 219 -4.77 -15.82 4.33
C ALA A 219 -4.86 -16.77 5.53
N ALA A 220 -4.60 -18.06 5.34
CA ALA A 220 -4.66 -19.03 6.43
C ALA A 220 -3.28 -19.39 6.98
N ASP A 221 -2.21 -18.86 6.40
CA ASP A 221 -0.85 -19.26 6.76
C ASP A 221 -0.42 -18.53 8.02
N PRO A 222 -0.24 -19.25 9.14
CA PRO A 222 0.15 -18.58 10.39
C PRO A 222 1.58 -18.07 10.40
N ARG A 223 2.42 -18.49 9.46
CA ARG A 223 3.80 -18.04 9.41
C ARG A 223 3.95 -16.57 9.05
N VAL A 224 2.88 -15.92 8.57
CA VAL A 224 2.95 -14.53 8.15
C VAL A 224 1.64 -13.82 8.47
N GLU A 225 1.72 -12.50 8.54
N GLU A 225 1.73 -12.51 8.57
CA GLU A 225 0.54 -11.65 8.44
CA GLU A 225 0.57 -11.62 8.45
C GLU A 225 0.56 -11.00 7.07
C GLU A 225 0.56 -11.08 7.03
N ILE A 226 -0.63 -10.78 6.51
CA ILE A 226 -0.77 -10.37 5.11
C ILE A 226 -1.60 -9.09 5.01
N SER A 227 -1.53 -8.49 3.83
CA SER A 227 -2.44 -7.42 3.41
C SER A 227 -2.50 -7.41 1.89
N GLN A 228 -3.69 -7.60 1.32
CA GLN A 228 -3.88 -7.59 -0.12
C GLN A 228 -4.33 -6.19 -0.56
N VAL A 229 -3.62 -5.62 -1.53
CA VAL A 229 -3.76 -4.20 -1.88
C VAL A 229 -4.19 -4.11 -3.34
N SER A 230 -5.31 -3.42 -3.57
CA SER A 230 -5.87 -3.23 -4.90
C SER A 230 -5.13 -2.16 -5.67
N ILE A 231 -3.81 -2.28 -5.75
CA ILE A 231 -2.99 -1.42 -6.58
C ILE A 231 -2.47 -2.24 -7.75
N GLY A 232 -2.32 -1.58 -8.89
CA GLY A 232 -1.86 -2.26 -10.10
C GLY A 232 -2.80 -3.38 -10.52
N ASP A 233 -2.32 -4.61 -10.44
CA ASP A 233 -3.13 -5.81 -10.63
C ASP A 233 -3.36 -6.56 -9.32
N GLY A 234 -3.20 -5.89 -8.19
CA GLY A 234 -3.21 -6.53 -6.90
C GLY A 234 -1.81 -6.87 -6.42
N VAL A 235 -1.46 -6.45 -5.20
CA VAL A 235 -0.21 -6.82 -4.55
C VAL A 235 -0.53 -7.31 -3.15
N THR A 236 -0.02 -8.49 -2.81
CA THR A 236 -0.19 -9.05 -1.48
C THR A 236 1.12 -8.92 -0.72
N ILE A 237 1.10 -8.14 0.36
CA ILE A 237 2.24 -7.96 1.26
C ILE A 237 2.17 -9.01 2.35
N CYS A 238 3.24 -9.79 2.49
CA CYS A 238 3.40 -10.71 3.62
C CYS A 238 4.55 -10.24 4.51
N ARG A 239 4.41 -10.50 5.80
CA ARG A 239 5.41 -10.14 6.81
C ARG A 239 5.68 -11.36 7.68
N ARG A 240 6.93 -11.80 7.74
CA ARG A 240 7.26 -13.06 8.39
C ARG A 240 7.20 -12.92 9.91
N LEU A 241 6.47 -13.85 10.55
CA LEU A 241 6.25 -13.82 11.99
C LEU A 241 7.25 -14.69 12.75
N TYR A 242 7.45 -15.94 12.30
CA TYR A 242 8.41 -16.82 12.95
C TYR A 242 9.11 -17.72 11.93
N ASP B 9 -32.13 11.00 -0.21
CA ASP B 9 -30.92 11.19 0.58
C ASP B 9 -30.13 12.39 0.06
N ASP B 10 -29.11 12.79 0.83
CA ASP B 10 -28.46 14.07 0.62
C ASP B 10 -27.07 13.99 0.01
N TYR B 11 -26.37 12.86 0.14
CA TYR B 11 -25.00 12.75 -0.33
C TYR B 11 -24.95 11.87 -1.57
N SER B 12 -24.06 12.24 -2.50
CA SER B 12 -24.08 11.72 -3.86
C SER B 12 -22.93 10.79 -4.20
N LEU B 13 -22.01 10.54 -3.28
CA LEU B 13 -20.91 9.62 -3.54
C LEU B 13 -21.02 8.32 -2.75
N VAL B 14 -21.97 8.24 -1.82
CA VAL B 14 -21.98 7.18 -0.81
C VAL B 14 -22.06 5.79 -1.43
N HIS B 15 -22.60 5.66 -2.63
CA HIS B 15 -22.78 4.36 -3.25
C HIS B 15 -21.73 4.07 -4.33
N LYS B 16 -20.67 4.87 -4.40
CA LYS B 16 -19.64 4.68 -5.42
C LYS B 16 -18.43 3.96 -4.84
N ASN B 17 -17.70 3.31 -5.75
CA ASN B 17 -16.46 2.63 -5.41
C ASN B 17 -15.42 2.90 -6.49
N ILE B 18 -14.15 2.93 -6.09
CA ILE B 18 -13.10 3.13 -7.07
C ILE B 18 -12.77 1.85 -7.85
N LEU B 19 -13.15 0.69 -7.36
CA LEU B 19 -12.94 -0.57 -8.08
C LEU B 19 -14.07 -0.80 -9.08
N HIS B 20 -13.78 -1.60 -10.11
CA HIS B 20 -14.71 -1.68 -11.22
C HIS B 20 -15.97 -2.49 -10.87
N SER B 21 -15.87 -3.42 -9.94
CA SER B 21 -17.06 -4.18 -9.54
C SER B 21 -17.06 -4.40 -8.04
N GLU B 22 -18.27 -4.39 -7.47
CA GLU B 22 -18.46 -4.74 -6.06
C GLU B 22 -18.05 -6.17 -5.78
N ASP B 23 -18.10 -7.05 -6.78
CA ASP B 23 -17.72 -8.44 -6.59
C ASP B 23 -16.23 -8.57 -6.31
N LEU B 24 -15.41 -7.77 -7.00
CA LEU B 24 -13.97 -7.79 -6.72
C LEU B 24 -13.67 -7.28 -5.32
N LEU B 25 -14.36 -6.21 -4.90
CA LEU B 25 -14.18 -5.70 -3.55
C LEU B 25 -14.56 -6.75 -2.52
N LYS B 26 -15.71 -7.41 -2.71
CA LYS B 26 -16.15 -8.43 -1.76
C LYS B 26 -15.18 -9.60 -1.73
N TYR B 27 -14.67 -10.00 -2.90
CA TYR B 27 -13.65 -11.05 -2.93
C TYR B 27 -12.48 -10.71 -2.02
N ILE B 28 -11.95 -9.49 -2.15
CA ILE B 28 -10.80 -9.09 -1.36
C ILE B 28 -11.12 -9.16 0.14
N LEU B 29 -12.30 -8.66 0.51
CA LEU B 29 -12.68 -8.62 1.92
C LEU B 29 -12.86 -10.03 2.48
N GLU B 30 -13.60 -10.87 1.76
CA GLU B 30 -13.91 -12.20 2.27
C GLU B 30 -12.68 -13.10 2.27
N THR B 31 -11.84 -12.98 1.24
CA THR B 31 -10.71 -13.89 1.11
C THR B 31 -9.55 -13.50 2.02
N SER B 32 -9.24 -12.20 2.11
CA SER B 32 -7.99 -11.76 2.70
C SER B 32 -8.13 -10.81 3.88
N ALA B 33 -9.23 -10.07 4.00
CA ALA B 33 -9.39 -9.09 5.06
C ALA B 33 -10.10 -9.64 6.29
N TYR B 34 -11.35 -10.10 6.12
CA TYR B 34 -12.10 -10.62 7.27
C TYR B 34 -11.42 -11.77 8.00
N PRO B 35 -10.81 -12.76 7.33
CA PRO B 35 -10.10 -13.82 8.10
C PRO B 35 -8.95 -13.31 8.95
N ARG B 36 -8.42 -12.13 8.68
CA ARG B 36 -7.29 -11.58 9.43
C ARG B 36 -7.70 -10.45 10.35
N GLU B 37 -9.00 -10.18 10.48
CA GLU B 37 -9.51 -9.06 11.26
C GLU B 37 -9.71 -9.51 12.70
N HIS B 38 -9.18 -8.73 13.64
CA HIS B 38 -9.39 -8.98 15.06
C HIS B 38 -10.88 -9.03 15.39
N GLU B 39 -11.24 -9.87 16.36
N GLU B 39 -11.25 -9.85 16.38
CA GLU B 39 -12.64 -10.02 16.72
CA GLU B 39 -12.67 -10.01 16.70
C GLU B 39 -13.26 -8.68 17.13
C GLU B 39 -13.29 -8.72 17.19
N GLN B 40 -12.51 -7.85 17.86
CA GLN B 40 -13.08 -6.58 18.31
C GLN B 40 -13.18 -5.57 17.16
N LEU B 41 -12.27 -5.63 16.18
CA LEU B 41 -12.45 -4.84 14.96
C LEU B 41 -13.71 -5.27 14.22
N LYS B 42 -13.96 -6.58 14.15
CA LYS B 42 -15.20 -7.06 13.53
C LYS B 42 -16.42 -6.53 14.28
N GLY B 43 -16.41 -6.62 15.60
CA GLY B 43 -17.53 -6.12 16.38
C GLY B 43 -17.73 -4.62 16.21
N LEU B 44 -16.63 -3.85 16.25
CA LEU B 44 -16.73 -2.41 16.04
C LEU B 44 -17.27 -2.09 14.65
N ARG B 45 -16.78 -2.80 13.62
CA ARG B 45 -17.23 -2.53 12.27
C ARG B 45 -18.73 -2.79 12.12
N GLU B 46 -19.22 -3.90 12.69
CA GLU B 46 -20.61 -4.29 12.46
C GLU B 46 -21.60 -3.35 13.15
N VAL B 47 -21.23 -2.80 14.31
CA VAL B 47 -22.11 -1.80 14.91
C VAL B 47 -22.04 -0.49 14.13
N THR B 48 -20.86 -0.15 13.59
CA THR B 48 -20.72 1.09 12.85
C THR B 48 -21.49 1.07 11.53
N GLU B 49 -21.60 -0.10 10.90
CA GLU B 49 -22.35 -0.20 9.66
C GLU B 49 -23.81 0.16 9.87
N LYS B 50 -24.32 -0.01 11.09
CA LYS B 50 -25.68 0.40 11.42
C LYS B 50 -25.80 1.90 11.68
N HIS B 51 -24.68 2.58 11.93
CA HIS B 51 -24.70 4.00 12.25
C HIS B 51 -24.98 4.83 10.99
N GLU B 52 -25.57 6.01 11.20
CA GLU B 52 -26.05 6.82 10.08
C GLU B 52 -24.90 7.32 9.19
N TRP B 53 -23.70 7.49 9.75
CA TRP B 53 -22.55 7.96 8.98
C TRP B 53 -21.64 6.81 8.58
N SER B 54 -22.23 5.67 8.21
CA SER B 54 -21.45 4.49 7.83
C SER B 54 -20.55 4.75 6.63
N MET B 55 -20.90 5.75 5.81
CA MET B 55 -20.12 6.03 4.61
C MET B 55 -18.66 6.35 4.91
N ALA B 56 -18.38 6.87 6.11
CA ALA B 56 -17.04 7.36 6.44
C ALA B 56 -16.15 6.31 7.10
N LEU B 57 -16.65 5.09 7.30
CA LEU B 57 -15.87 4.06 7.99
C LEU B 57 -14.69 3.61 7.14
N VAL B 58 -13.53 3.50 7.77
CA VAL B 58 -12.37 2.93 7.07
C VAL B 58 -12.61 1.45 6.84
N PRO B 59 -12.51 0.96 5.61
CA PRO B 59 -12.83 -0.45 5.32
C PRO B 59 -11.75 -1.42 5.77
N ALA B 60 -12.16 -2.69 5.86
CA ALA B 60 -11.32 -3.71 6.47
C ALA B 60 -10.04 -3.96 5.68
N ASP B 61 -10.10 -3.92 4.35
CA ASP B 61 -8.89 -4.18 3.57
C ASP B 61 -7.88 -3.03 3.74
N GLU B 62 -8.36 -1.78 3.71
CA GLU B 62 -7.47 -0.66 3.98
C GLU B 62 -6.90 -0.75 5.39
N GLY B 63 -7.71 -1.17 6.36
CA GLY B 63 -7.24 -1.28 7.73
C GLY B 63 -6.07 -2.22 7.88
N LEU B 64 -6.14 -3.39 7.24
CA LEU B 64 -5.03 -4.32 7.33
C LEU B 64 -3.81 -3.76 6.62
N PHE B 65 -4.01 -2.89 5.63
CA PHE B 65 -2.89 -2.22 5.00
C PHE B 65 -2.23 -1.21 5.95
N LEU B 66 -3.03 -0.49 6.74
CA LEU B 66 -2.47 0.40 7.75
C LEU B 66 -1.69 -0.37 8.81
N SER B 67 -2.26 -1.48 9.28
CA SER B 67 -1.58 -2.32 10.27
C SER B 67 -0.25 -2.82 9.73
N MET B 68 -0.25 -3.33 8.49
CA MET B 68 0.98 -3.82 7.88
C MET B 68 2.03 -2.73 7.78
N LEU B 69 1.62 -1.53 7.36
CA LEU B 69 2.56 -0.42 7.23
C LEU B 69 3.16 -0.06 8.58
N LEU B 70 2.32 -0.02 9.62
CA LEU B 70 2.79 0.32 10.96
C LEU B 70 3.83 -0.66 11.47
N LYS B 71 3.63 -1.95 11.20
CA LYS B 71 4.55 -2.97 11.70
C LYS B 71 5.85 -2.98 10.90
N LEU B 72 5.77 -2.80 9.58
CA LEU B 72 6.99 -2.80 8.78
C LEU B 72 7.90 -1.62 9.09
N MET B 73 7.34 -0.47 9.48
CA MET B 73 8.16 0.67 9.82
C MET B 73 8.49 0.74 11.30
N ASN B 74 8.04 -0.23 12.09
N ASN B 74 8.03 -0.24 12.08
CA ASN B 74 8.33 -0.30 13.53
CA ASN B 74 8.31 -0.32 13.51
C ASN B 74 7.86 0.96 14.24
C ASN B 74 7.85 0.94 14.25
N ALA B 75 6.63 1.38 13.96
CA ALA B 75 6.10 2.59 14.57
C ALA B 75 5.79 2.36 16.05
N LYS B 76 6.01 3.40 16.87
CA LYS B 76 5.76 3.37 18.31
C LYS B 76 4.91 4.52 18.80
N ARG B 77 5.07 5.71 18.23
CA ARG B 77 4.31 6.89 18.65
C ARG B 77 3.61 7.46 17.42
N THR B 78 2.29 7.55 17.49
CA THR B 78 1.49 7.90 16.32
C THR B 78 0.41 8.89 16.71
N ILE B 79 -0.19 9.51 15.69
CA ILE B 79 -1.29 10.43 15.88
C ILE B 79 -2.40 10.08 14.89
N GLU B 80 -3.64 10.06 15.38
CA GLU B 80 -4.81 9.71 14.57
C GLU B 80 -5.76 10.89 14.60
N ILE B 81 -6.01 11.49 13.44
CA ILE B 81 -6.82 12.70 13.33
C ILE B 81 -8.06 12.33 12.53
N GLY B 82 -9.21 12.30 13.22
CA GLY B 82 -10.43 11.80 12.62
C GLY B 82 -10.65 10.37 13.08
N VAL B 83 -11.31 10.21 14.22
CA VAL B 83 -11.47 8.91 14.85
C VAL B 83 -12.80 8.25 14.45
N TYR B 84 -13.89 9.00 14.50
CA TYR B 84 -15.26 8.49 14.28
C TYR B 84 -15.48 7.38 15.30
N THR B 85 -15.91 6.18 14.91
CA THR B 85 -16.17 5.10 15.85
C THR B 85 -14.92 4.33 16.27
N GLY B 86 -13.76 4.64 15.70
CA GLY B 86 -12.51 4.12 16.19
C GLY B 86 -11.93 2.94 15.44
N TYR B 87 -12.33 2.72 14.20
CA TYR B 87 -11.87 1.52 13.49
C TYR B 87 -10.37 1.61 13.17
N SER B 88 -9.96 2.68 12.51
CA SER B 88 -8.53 2.83 12.23
C SER B 88 -7.74 3.04 13.52
N LEU B 89 -8.36 3.66 14.53
CA LEU B 89 -7.69 3.81 15.82
C LEU B 89 -7.43 2.46 16.46
N LEU B 90 -8.46 1.61 16.55
CA LEU B 90 -8.26 0.27 17.10
C LEU B 90 -7.26 -0.53 16.26
N THR B 91 -7.28 -0.32 14.93
CA THR B 91 -6.31 -0.99 14.07
C THR B 91 -4.89 -0.57 14.43
N THR B 92 -4.68 0.73 14.64
CA THR B 92 -3.37 1.21 15.07
C THR B 92 -2.99 0.65 16.43
N ALA B 93 -3.90 0.75 17.40
CA ALA B 93 -3.60 0.30 18.77
C ALA B 93 -3.23 -1.18 18.84
N LEU B 94 -3.84 -2.01 17.97
CA LEU B 94 -3.53 -3.42 17.95
C LEU B 94 -2.22 -3.72 17.24
N ALA B 95 -1.80 -2.85 16.31
CA ALA B 95 -0.58 -3.11 15.56
C ALA B 95 0.66 -2.65 16.30
N LEU B 96 0.55 -1.63 17.14
CA LEU B 96 1.71 -1.10 17.84
C LEU B 96 2.15 -2.05 18.96
N PRO B 97 3.41 -1.97 19.38
CA PRO B 97 3.85 -2.74 20.55
C PRO B 97 3.11 -2.31 21.80
N GLU B 98 3.29 -3.08 22.88
CA GLU B 98 2.50 -2.86 24.09
C GLU B 98 2.75 -1.49 24.69
N ASP B 99 3.95 -0.93 24.51
CA ASP B 99 4.27 0.40 25.00
C ASP B 99 4.02 1.50 23.97
N GLY B 100 3.24 1.21 22.93
CA GLY B 100 2.93 2.23 21.95
C GLY B 100 1.96 3.26 22.49
N LYS B 101 2.08 4.49 22.00
CA LYS B 101 1.24 5.60 22.44
C LYS B 101 0.64 6.30 21.23
N ILE B 102 -0.65 6.60 21.32
CA ILE B 102 -1.40 7.23 20.23
C ILE B 102 -2.05 8.49 20.77
N THR B 103 -1.89 9.59 20.04
CA THR B 103 -2.68 10.80 20.26
C THR B 103 -3.82 10.79 19.26
N ALA B 104 -5.05 10.64 19.76
CA ALA B 104 -6.24 10.54 18.92
C ALA B 104 -7.11 11.77 19.12
N ILE B 105 -7.51 12.41 18.01
CA ILE B 105 -8.19 13.70 18.04
C ILE B 105 -9.46 13.62 17.20
N ASP B 106 -10.57 14.09 17.76
CA ASP B 106 -11.82 14.14 17.04
C ASP B 106 -12.73 15.17 17.70
N VAL B 107 -13.52 15.87 16.87
CA VAL B 107 -14.40 16.90 17.37
C VAL B 107 -15.61 16.33 18.12
N ASN B 108 -15.91 15.04 17.92
CA ASN B 108 -17.16 14.46 18.40
C ASN B 108 -16.83 13.17 19.15
N LYS B 109 -16.80 13.24 20.49
CA LYS B 109 -16.44 12.07 21.28
C LYS B 109 -17.55 11.04 21.33
N SER B 110 -18.80 11.45 21.05
CA SER B 110 -19.90 10.49 21.11
C SER B 110 -19.69 9.35 20.13
N TYR B 111 -19.12 9.64 18.95
CA TYR B 111 -18.77 8.58 18.02
C TYR B 111 -17.73 7.64 18.63
N TYR B 112 -16.73 8.21 19.33
CA TYR B 112 -15.69 7.40 19.94
C TYR B 112 -16.26 6.45 20.98
N GLU B 113 -17.29 6.89 21.71
CA GLU B 113 -17.87 6.04 22.75
C GLU B 113 -18.61 4.84 22.16
N ILE B 114 -18.96 4.89 20.87
CA ILE B 114 -19.50 3.71 20.20
C ILE B 114 -18.44 2.63 20.10
N GLY B 115 -17.19 3.02 19.85
CA GLY B 115 -16.14 2.04 19.67
C GLY B 115 -15.41 1.67 20.94
N LEU B 116 -15.45 2.55 21.94
CA LEU B 116 -14.63 2.36 23.13
C LEU B 116 -14.83 1.02 23.83
N PRO B 117 -16.03 0.43 23.91
CA PRO B 117 -16.12 -0.91 24.52
C PRO B 117 -15.27 -1.95 23.79
N PHE B 118 -15.16 -1.84 22.46
CA PHE B 118 -14.36 -2.80 21.71
C PHE B 118 -12.87 -2.56 21.91
N ILE B 119 -12.47 -1.29 21.97
CA ILE B 119 -11.09 -0.95 22.30
C ILE B 119 -10.74 -1.45 23.70
N GLN B 120 -11.67 -1.31 24.64
CA GLN B 120 -11.39 -1.74 26.02
C GLN B 120 -11.31 -3.25 26.12
N LYS B 121 -12.21 -3.97 25.43
CA LYS B 121 -12.16 -5.42 25.43
C LYS B 121 -10.89 -5.95 24.76
N ALA B 122 -10.38 -5.22 23.76
CA ALA B 122 -9.12 -5.58 23.13
C ALA B 122 -7.92 -5.33 24.05
N GLY B 123 -8.12 -4.57 25.12
CA GLY B 123 -7.05 -4.33 26.08
C GLY B 123 -5.98 -3.37 25.61
N VAL B 124 -6.34 -2.40 24.77
CA VAL B 124 -5.38 -1.47 24.20
C VAL B 124 -5.71 -0.02 24.55
N GLU B 125 -6.73 0.20 25.38
CA GLU B 125 -7.10 1.57 25.75
C GLU B 125 -5.93 2.32 26.39
N HIS B 126 -5.04 1.61 27.08
CA HIS B 126 -3.91 2.26 27.73
C HIS B 126 -2.99 2.98 26.75
N LYS B 127 -3.03 2.59 25.47
CA LYS B 127 -2.18 3.22 24.47
C LYS B 127 -2.75 4.52 23.92
N ILE B 128 -3.99 4.86 24.27
CA ILE B 128 -4.76 5.91 23.59
C ILE B 128 -4.91 7.11 24.51
N ASN B 129 -4.62 8.30 23.98
CA ASN B 129 -4.94 9.57 24.63
C ASN B 129 -5.90 10.30 23.71
N PHE B 130 -7.18 10.26 24.03
CA PHE B 130 -8.20 10.85 23.19
C PHE B 130 -8.42 12.31 23.56
N ILE B 131 -8.39 13.18 22.57
CA ILE B 131 -8.62 14.61 22.75
C ILE B 131 -9.82 15.00 21.90
N GLU B 132 -10.87 15.48 22.56
CA GLU B 132 -12.06 15.97 21.86
C GLU B 132 -11.86 17.44 21.54
N SER B 133 -11.60 17.74 20.27
CA SER B 133 -11.30 19.11 19.85
C SER B 133 -11.19 19.13 18.33
N GLU B 134 -11.34 20.32 17.76
CA GLU B 134 -10.92 20.53 16.38
C GLU B 134 -9.42 20.26 16.27
N ALA B 135 -9.02 19.70 15.13
CA ALA B 135 -7.66 19.17 15.01
C ALA B 135 -6.62 20.28 15.03
N LEU B 136 -6.86 21.36 14.30
CA LEU B 136 -5.82 22.37 14.11
C LEU B 136 -5.35 23.01 15.41
N PRO B 137 -6.22 23.43 16.33
CA PRO B 137 -5.71 24.01 17.59
C PRO B 137 -4.82 23.05 18.36
N VAL B 138 -5.15 21.76 18.37
CA VAL B 138 -4.31 20.78 19.03
C VAL B 138 -2.96 20.67 18.35
N LEU B 139 -2.97 20.60 17.01
CA LEU B 139 -1.72 20.52 16.27
C LEU B 139 -0.83 21.74 16.53
N ASP B 140 -1.42 22.94 16.49
CA ASP B 140 -0.64 24.15 16.72
C ASP B 140 -0.06 24.16 18.13
N GLN B 141 -0.82 23.66 19.11
CA GLN B 141 -0.30 23.57 20.47
C GLN B 141 0.86 22.57 20.55
N MET B 142 0.81 21.50 19.77
CA MET B 142 1.90 20.53 19.77
C MET B 142 3.19 21.16 19.24
N LEU B 143 3.08 22.01 18.22
CA LEU B 143 4.26 22.67 17.67
C LEU B 143 4.95 23.55 18.71
N GLU B 144 4.19 24.09 19.66
CA GLU B 144 4.80 24.95 20.68
C GLU B 144 5.61 24.16 21.69
N GLU B 145 5.21 22.91 21.96
CA GLU B 145 5.82 22.12 23.03
C GLU B 145 6.65 20.94 22.54
N MET B 146 6.58 20.60 21.26
CA MET B 146 7.23 19.39 20.76
C MET B 146 8.74 19.50 20.88
N LYS B 147 9.34 18.49 21.52
CA LYS B 147 10.79 18.30 21.47
C LYS B 147 11.13 17.37 20.32
N GLU B 148 12.27 17.62 19.67
CA GLU B 148 12.69 16.77 18.56
C GLU B 148 12.77 15.31 18.99
N GLU B 149 13.04 15.06 20.28
CA GLU B 149 13.08 13.72 20.85
C GLU B 149 11.71 13.09 20.97
N ASP B 150 10.63 13.79 20.57
CA ASP B 150 9.27 13.30 20.78
C ASP B 150 8.43 13.34 19.51
N LEU B 151 9.06 13.48 18.35
CA LEU B 151 8.33 13.48 17.09
C LEU B 151 7.60 12.15 16.89
N TYR B 152 6.54 12.21 16.08
CA TYR B 152 5.72 11.04 15.80
C TYR B 152 6.27 10.25 14.62
N ASP B 153 6.09 8.93 14.67
CA ASP B 153 6.49 8.06 13.57
C ASP B 153 5.48 8.06 12.43
N TYR B 154 4.22 8.33 12.74
CA TYR B 154 3.13 7.99 11.84
C TYR B 154 1.94 8.88 12.14
N ALA B 155 1.30 9.38 11.09
CA ALA B 155 0.08 10.17 11.21
C ALA B 155 -0.93 9.68 10.19
N PHE B 156 -2.16 9.42 10.65
CA PHE B 156 -3.27 9.09 9.76
C PHE B 156 -4.23 10.26 9.76
N VAL B 157 -4.47 10.83 8.58
CA VAL B 157 -5.29 12.04 8.44
C VAL B 157 -6.62 11.65 7.83
N ASP B 158 -7.70 11.86 8.57
CA ASP B 158 -9.02 11.43 8.12
C ASP B 158 -10.13 12.27 8.74
N ALA B 159 -9.88 13.55 8.99
CA ALA B 159 -10.83 14.42 9.65
C ALA B 159 -11.50 15.31 8.60
N ASP B 160 -11.59 16.63 8.79
CA ASP B 160 -12.30 17.51 7.86
C ASP B 160 -11.57 17.56 6.52
N LYS B 161 -12.27 17.15 5.46
CA LYS B 161 -11.63 16.99 4.15
C LYS B 161 -11.10 18.32 3.62
N SER B 162 -11.87 19.40 3.78
CA SER B 162 -11.44 20.69 3.26
C SER B 162 -10.21 21.23 3.98
N ASN B 163 -9.80 20.63 5.09
CA ASN B 163 -8.71 21.15 5.91
C ASN B 163 -7.42 20.34 5.79
N TYR B 164 -7.33 19.40 4.85
CA TYR B 164 -6.14 18.54 4.77
C TYR B 164 -4.88 19.35 4.53
N ALA B 165 -4.92 20.31 3.60
CA ALA B 165 -3.73 21.09 3.29
C ALA B 165 -3.24 21.84 4.51
N ASN B 166 -4.15 22.36 5.34
CA ASN B 166 -3.74 23.01 6.57
C ASN B 166 -3.15 22.02 7.56
N TYR B 167 -3.73 20.81 7.63
CA TYR B 167 -3.14 19.76 8.45
C TYR B 167 -1.72 19.46 8.02
N HIS B 168 -1.49 19.37 6.71
CA HIS B 168 -0.19 18.98 6.17
C HIS B 168 0.91 19.93 6.62
N GLU B 169 0.62 21.24 6.67
CA GLU B 169 1.64 22.21 7.02
C GLU B 169 2.11 22.03 8.46
N ARG B 170 1.23 21.52 9.33
CA ARG B 170 1.65 21.20 10.69
C ARG B 170 2.37 19.85 10.75
N LEU B 171 1.83 18.85 10.03
CA LEU B 171 2.28 17.48 10.20
C LEU B 171 3.67 17.24 9.63
N VAL B 172 4.12 18.04 8.65
CA VAL B 172 5.48 17.90 8.17
C VAL B 172 6.51 18.36 9.18
N LYS B 173 6.07 19.02 10.25
CA LYS B 173 6.94 19.43 11.34
C LYS B 173 6.74 18.60 12.60
N LEU B 174 5.67 17.81 12.66
CA LEU B 174 5.36 17.02 13.85
C LEU B 174 5.75 15.55 13.73
N VAL B 175 5.92 15.02 12.51
CA VAL B 175 6.39 13.65 12.35
C VAL B 175 7.90 13.71 12.11
N ARG B 176 8.59 12.66 12.53
CA ARG B 176 10.04 12.61 12.38
C ARG B 176 10.44 12.57 10.90
N ILE B 177 11.69 12.94 10.63
CA ILE B 177 12.27 12.65 9.33
C ILE B 177 12.25 11.14 9.10
N GLY B 178 11.79 10.72 7.93
CA GLY B 178 11.56 9.31 7.68
C GLY B 178 10.23 8.78 8.16
N GLY B 179 9.47 9.57 8.92
CA GLY B 179 8.14 9.16 9.33
C GLY B 179 7.14 9.30 8.20
N ALA B 180 5.93 8.82 8.46
CA ALA B 180 4.89 8.71 7.43
C ALA B 180 3.69 9.57 7.78
N ILE B 181 3.14 10.25 6.78
CA ILE B 181 1.86 10.94 6.89
C ILE B 181 0.93 10.33 5.84
N LEU B 182 -0.21 9.81 6.27
CA LEU B 182 -1.16 9.18 5.37
C LEU B 182 -2.43 10.02 5.28
N TYR B 183 -2.82 10.39 4.06
CA TYR B 183 -4.04 11.15 3.81
C TYR B 183 -5.10 10.21 3.25
N ASP B 184 -6.23 10.11 3.96
CA ASP B 184 -7.31 9.22 3.61
C ASP B 184 -8.27 9.89 2.64
N ASN B 185 -8.86 9.09 1.75
CA ASN B 185 -9.92 9.49 0.83
C ASN B 185 -9.44 10.40 -0.30
N THR B 186 -8.18 10.26 -0.74
CA THR B 186 -7.66 11.21 -1.73
C THR B 186 -8.15 10.96 -3.14
N LEU B 187 -8.92 9.90 -3.40
CA LEU B 187 -9.54 9.74 -4.71
C LEU B 187 -11.02 10.08 -4.72
N TRP B 188 -11.61 10.33 -3.54
CA TRP B 188 -12.99 10.83 -3.36
C TRP B 188 -13.97 10.17 -4.33
N PHE B 189 -14.09 8.85 -4.16
CA PHE B 189 -15.02 8.02 -4.94
C PHE B 189 -14.80 8.21 -6.44
N GLY B 190 -13.57 8.55 -6.83
CA GLY B 190 -13.22 8.73 -8.21
C GLY B 190 -13.54 10.09 -8.80
N SER B 191 -14.14 11.01 -8.01
CA SER B 191 -14.59 12.27 -8.58
C SER B 191 -13.46 13.26 -8.80
N VAL B 192 -12.28 13.02 -8.25
CA VAL B 192 -11.13 13.90 -8.48
C VAL B 192 -10.61 13.80 -9.91
N ALA B 193 -11.02 12.77 -10.65
CA ALA B 193 -10.47 12.54 -11.98
C ALA B 193 -10.90 13.58 -13.00
N TYR B 194 -11.86 14.45 -12.67
CA TYR B 194 -12.37 15.42 -13.62
C TYR B 194 -12.30 16.82 -13.04
N PRO B 195 -11.95 17.82 -13.85
CA PRO B 195 -12.04 19.21 -13.38
C PRO B 195 -13.45 19.59 -12.93
N GLU B 196 -14.45 19.29 -13.73
CA GLU B 196 -15.85 19.48 -13.36
C GLU B 196 -16.51 18.12 -13.17
N TYR B 197 -17.46 18.06 -12.23
CA TYR B 197 -18.13 16.82 -11.86
C TYR B 197 -19.54 17.22 -11.46
N PRO B 198 -20.57 16.53 -11.96
CA PRO B 198 -21.94 17.00 -11.75
C PRO B 198 -22.60 16.52 -10.45
N GLY B 199 -23.50 17.38 -9.95
CA GLY B 199 -24.57 17.01 -9.04
C GLY B 199 -24.21 16.75 -7.59
N LEU B 200 -23.04 17.16 -7.13
CA LEU B 200 -22.64 16.80 -5.78
C LEU B 200 -23.23 17.77 -4.76
N HIS B 201 -23.44 17.26 -3.54
CA HIS B 201 -23.72 18.11 -2.39
C HIS B 201 -22.60 19.13 -2.23
N PRO B 202 -22.92 20.38 -1.86
CA PRO B 202 -21.85 21.40 -1.73
C PRO B 202 -20.67 20.94 -0.88
N GLU B 203 -20.92 20.28 0.25
CA GLU B 203 -19.83 19.74 1.07
C GLU B 203 -19.00 18.72 0.29
N GLU B 204 -19.65 17.90 -0.53
CA GLU B 204 -18.92 16.90 -1.32
C GLU B 204 -18.07 17.58 -2.39
N GLU B 205 -18.59 18.66 -2.99
CA GLU B 205 -17.85 19.37 -4.03
C GLU B 205 -16.66 20.13 -3.45
N VAL B 206 -16.84 20.77 -2.28
CA VAL B 206 -15.70 21.42 -1.61
C VAL B 206 -14.59 20.40 -1.36
N ALA B 207 -14.95 19.25 -0.80
CA ALA B 207 -13.96 18.20 -0.54
C ALA B 207 -13.28 17.74 -1.82
N ARG B 208 -14.07 17.57 -2.89
CA ARG B 208 -13.52 17.15 -4.18
C ARG B 208 -12.49 18.16 -4.69
N LEU B 209 -12.84 19.45 -4.64
CA LEU B 209 -11.91 20.48 -5.08
C LEU B 209 -10.68 20.52 -4.18
N SER B 210 -10.86 20.35 -2.87
N SER B 210 -10.88 20.38 -2.87
CA SER B 210 -9.72 20.37 -1.96
CA SER B 210 -9.76 20.36 -1.94
C SER B 210 -8.80 19.20 -2.20
C SER B 210 -8.80 19.22 -2.26
N PHE B 211 -9.34 18.05 -2.63
CA PHE B 211 -8.48 16.89 -2.89
C PHE B 211 -7.74 17.03 -4.22
N ARG B 212 -8.37 17.58 -5.25
CA ARG B 212 -7.64 17.86 -6.49
C ARG B 212 -6.46 18.81 -6.24
N ASN B 213 -6.67 19.82 -5.39
CA ASN B 213 -5.58 20.74 -5.08
C ASN B 213 -4.51 20.05 -4.22
N LEU B 214 -4.94 19.26 -3.22
CA LEU B 214 -3.98 18.57 -2.37
C LEU B 214 -3.13 17.58 -3.16
N ASN B 215 -3.76 16.76 -4.00
CA ASN B 215 -3.02 15.77 -4.78
C ASN B 215 -1.96 16.45 -5.64
N THR B 216 -2.32 17.57 -6.27
CA THR B 216 -1.36 18.35 -7.06
C THR B 216 -0.22 18.87 -6.19
N PHE B 217 -0.56 19.56 -5.08
CA PHE B 217 0.47 20.14 -4.21
C PHE B 217 1.39 19.06 -3.66
N LEU B 218 0.82 17.94 -3.22
CA LEU B 218 1.63 16.89 -2.60
C LEU B 218 2.62 16.30 -3.59
N ALA B 219 2.23 16.17 -4.86
CA ALA B 219 3.17 15.67 -5.86
C ALA B 219 4.32 16.64 -6.12
N ALA B 220 4.14 17.91 -5.77
CA ALA B 220 5.14 18.93 -6.01
C ALA B 220 5.92 19.30 -4.76
N ASP B 221 5.59 18.73 -3.61
CA ASP B 221 6.17 19.16 -2.34
C ASP B 221 7.52 18.50 -2.11
N PRO B 222 8.62 19.27 -2.12
CA PRO B 222 9.95 18.66 -1.94
C PRO B 222 10.22 18.17 -0.52
N ARG B 223 9.39 18.53 0.46
CA ARG B 223 9.63 18.06 1.82
C ARG B 223 9.31 16.58 1.99
N VAL B 224 8.61 15.96 1.04
CA VAL B 224 8.17 14.58 1.18
C VAL B 224 8.32 13.82 -0.13
N GLU B 225 8.41 12.50 -0.03
N GLU B 225 8.43 12.50 -0.02
CA GLU B 225 8.15 11.60 -1.13
CA GLU B 225 8.16 11.58 -1.11
C GLU B 225 6.79 10.95 -0.91
C GLU B 225 6.75 11.02 -0.91
N ILE B 226 6.10 10.64 -2.01
CA ILE B 226 4.72 10.21 -1.96
C ILE B 226 4.48 8.91 -2.71
N SER B 227 3.35 8.30 -2.39
CA SER B 227 2.79 7.18 -3.14
C SER B 227 1.28 7.23 -2.93
N GLN B 228 0.53 7.54 -3.98
CA GLN B 228 -0.93 7.49 -3.91
C GLN B 228 -1.37 6.07 -4.26
N VAL B 229 -2.12 5.45 -3.35
CA VAL B 229 -2.47 4.03 -3.41
C VAL B 229 -3.97 3.91 -3.61
N SER B 230 -4.40 3.15 -4.61
CA SER B 230 -5.81 2.98 -4.92
C SER B 230 -6.46 1.91 -4.05
N ILE B 231 -6.32 2.04 -2.74
CA ILE B 231 -7.00 1.17 -1.79
C ILE B 231 -8.07 2.00 -1.07
N GLY B 232 -9.17 1.33 -0.71
CA GLY B 232 -10.29 1.98 -0.05
C GLY B 232 -10.94 3.04 -0.91
N ASP B 233 -10.70 4.32 -0.58
CA ASP B 233 -11.11 5.46 -1.38
C ASP B 233 -9.89 6.27 -1.82
N GLY B 234 -8.72 5.65 -1.83
CA GLY B 234 -7.51 6.39 -2.09
C GLY B 234 -6.80 6.76 -0.80
N VAL B 235 -5.55 6.33 -0.66
CA VAL B 235 -4.69 6.71 0.45
C VAL B 235 -3.38 7.22 -0.14
N THR B 236 -2.95 8.40 0.29
CA THR B 236 -1.66 8.94 -0.12
C THR B 236 -0.69 8.83 1.05
N ILE B 237 0.36 8.03 0.86
CA ILE B 237 1.45 7.93 1.83
C ILE B 237 2.50 8.98 1.50
N CYS B 238 2.89 9.76 2.50
CA CYS B 238 4.00 10.69 2.40
C CYS B 238 5.07 10.27 3.39
N ARG B 239 6.32 10.41 3.00
CA ARG B 239 7.46 10.14 3.87
C ARG B 239 8.31 11.40 3.93
N ARG B 240 8.56 11.91 5.14
CA ARG B 240 9.23 13.19 5.30
C ARG B 240 10.70 13.05 4.94
N LEU B 241 11.21 13.97 4.10
CA LEU B 241 12.59 13.90 3.64
C LEU B 241 13.55 14.72 4.51
N TYR B 242 13.13 15.89 4.95
CA TYR B 242 13.97 16.75 5.78
C TYR B 242 13.07 17.63 6.62
MG MG C . 3.63 -8.86 -12.27
N SAH D . 8.90 -7.47 -12.27
CA SAH D . 8.91 -7.05 -13.68
CB SAH D . 7.90 -7.88 -14.49
CG SAH D . 8.12 -9.39 -14.50
SD SAH D . 7.39 -10.20 -15.97
C SAH D . 8.61 -5.54 -13.84
O SAH D . 9.10 -4.71 -13.07
OXT SAH D . 7.91 -5.12 -14.76
C5' SAH D . 7.72 -11.89 -15.38
C4' SAH D . 9.16 -12.38 -15.56
O4' SAH D . 9.35 -13.65 -14.96
C3' SAH D . 9.58 -12.55 -17.03
O3' SAH D . 10.68 -11.70 -17.26
C2' SAH D . 10.03 -13.99 -17.16
O2' SAH D . 11.21 -14.09 -17.93
C1' SAH D . 10.29 -14.39 -15.71
N9 SAH D . 10.16 -15.84 -15.44
C8 SAH D . 9.20 -16.69 -15.95
N7 SAH D . 9.43 -17.92 -15.43
C5 SAH D . 10.50 -17.86 -14.60
C6 SAH D . 11.15 -18.81 -13.83
N6 SAH D . 10.72 -20.07 -13.82
N1 SAH D . 12.25 -18.45 -13.07
C2 SAH D . 12.69 -17.14 -13.08
N3 SAH D . 12.04 -16.21 -13.85
C4 SAH D . 10.97 -16.55 -14.60
C1 GOL E . 9.13 16.00 -7.32
O1 GOL E . 8.44 16.48 -8.42
C2 GOL E . 9.75 17.23 -6.66
O2 GOL E . 8.96 18.35 -6.83
C3 GOL E . 9.88 16.85 -5.17
O3 GOL E . 11.25 16.88 -4.88
MG MG F . -11.68 8.42 5.51
N SAH G . -10.72 7.26 10.66
CA SAH G . -12.12 6.90 10.96
CB SAH G . -13.10 7.69 10.10
CG SAH G . -13.09 9.22 10.26
SD SAH G . -14.65 9.98 9.77
C SAH G . -12.33 5.40 10.77
O SAH G . -11.43 4.60 11.00
OXT SAH G . -13.41 4.96 10.41
C5' SAH G . -14.10 11.69 10.00
C4' SAH G . -14.11 12.15 11.46
O4' SAH G . -13.50 13.43 11.55
C3' SAH G . -15.51 12.29 12.04
O3' SAH G . -15.59 11.51 13.21
C2' SAH G . -15.62 13.75 12.46
O2' SAH G . -16.28 13.84 13.71
C1' SAH G . -14.17 14.18 12.54
N9 SAH G . -13.91 15.60 12.28
C8 SAH G . -14.54 16.40 11.36
N7 SAH G . -13.99 17.63 11.42
C5 SAH G . -13.02 17.63 12.35
C6 SAH G . -12.15 18.61 12.80
N6 SAH G . -12.19 19.85 12.29
N1 SAH G . -11.24 18.31 13.78
C2 SAH G . -11.19 17.03 14.32
N3 SAH G . -12.05 16.06 13.86
C4 SAH G . -12.96 16.36 12.89
#